data_6ZSH
#
_entry.id   6ZSH
#
_cell.length_a   54.060
_cell.length_b   48.190
_cell.length_c   100.300
_cell.angle_alpha   90.000
_cell.angle_beta   97.480
_cell.angle_gamma   90.000
#
_symmetry.space_group_name_H-M   'P 1 21 1'
#
loop_
_entity.id
_entity.type
_entity.pdbx_description
1 polymer 'EH domain-binding protein 1'
2 polymer 'EH domain-binding protein 1'
3 water water
#
loop_
_entity_poly.entity_id
_entity_poly.type
_entity_poly.pdbx_seq_one_letter_code
_entity_poly.pdbx_strand_id
1 'polypeptide(L)'
;GHMDEVLNKGFKDTSQYVVGELAALENEQKQIDTRAALVEKRLRYLMDTGRNTEEEEAMMQEWFMLVNKKNALIRRMNQL
SLLEKEHDLERRYELLNRELRAMLAI
;
A,C
2 'polypeptide(L)'
;GHMGRKPNASQSLLVWCKEVTKNYRGVKITNFTTSWRNGLSFCAILHHFRPDLIDYKSLNPQDIKENNKKAYDGFASIGI
SRLLEPSDMVLLAIPDKLTVMTYLYQIRAHFSGQ
;
B,D
#
# COMPACT_ATOMS: atom_id res chain seq x y z
N SER A 15 22.95 20.26 35.65
CA SER A 15 22.76 21.23 34.53
C SER A 15 23.33 20.63 33.25
N GLN A 16 24.63 20.29 33.26
CA GLN A 16 25.41 19.93 32.07
C GLN A 16 24.89 18.67 31.33
N TYR A 17 24.82 17.58 32.08
CA TYR A 17 24.26 16.31 31.62
C TYR A 17 22.86 16.43 31.05
N VAL A 18 21.94 17.01 31.83
CA VAL A 18 20.54 17.25 31.42
C VAL A 18 20.35 17.92 30.04
N VAL A 19 20.79 19.18 29.88
CA VAL A 19 20.63 19.91 28.62
C VAL A 19 21.24 19.21 27.41
N GLY A 20 22.41 18.58 27.58
CA GLY A 20 23.02 17.79 26.53
C GLY A 20 22.04 16.75 26.05
N GLU A 21 21.47 16.00 27.00
CA GLU A 21 20.55 14.90 26.72
C GLU A 21 19.22 15.39 26.21
N LEU A 22 18.64 16.41 26.85
CA LEU A 22 17.40 17.04 26.35
C LEU A 22 17.56 17.58 24.94
N ALA A 23 18.70 18.20 24.64
CA ALA A 23 18.96 18.75 23.29
C ALA A 23 18.92 17.67 22.23
N ALA A 24 19.56 16.54 22.54
CA ALA A 24 19.63 15.39 21.64
C ALA A 24 18.26 14.76 21.43
N LEU A 25 17.54 14.53 22.53
CA LEU A 25 16.18 13.99 22.46
C LEU A 25 15.23 14.90 21.72
N GLU A 26 15.32 16.20 21.98
CA GLU A 26 14.43 17.18 21.32
C GLU A 26 14.67 17.24 19.82
N ASN A 27 15.91 17.10 19.40
CA ASN A 27 16.25 16.95 18.01
C ASN A 27 15.66 15.67 17.42
N GLU A 28 15.85 14.54 18.10
CA GLU A 28 15.31 13.27 17.61
C GLU A 28 13.77 13.31 17.53
N GLN A 29 13.13 13.91 18.53
CA GLN A 29 11.69 14.18 18.49
C GLN A 29 11.25 15.00 17.27
N LYS A 30 12.08 15.95 16.84
CA LYS A 30 11.76 16.72 15.64
C LYS A 30 11.76 15.85 14.36
N GLN A 31 12.68 14.89 14.30
CA GLN A 31 12.75 13.98 13.13
C GLN A 31 11.57 13.01 13.10
N ILE A 32 11.19 12.50 14.27
CA ILE A 32 10.04 11.61 14.44
C ILE A 32 8.77 12.31 13.96
N ASP A 33 8.47 13.45 14.54
CA ASP A 33 7.24 14.19 14.20
C ASP A 33 7.21 14.55 12.72
N THR A 34 8.38 14.79 12.14
CA THR A 34 8.49 15.10 10.72
C THR A 34 8.17 13.92 9.77
N ARG A 35 8.73 12.76 10.05
CA ARG A 35 8.45 11.56 9.29
C ARG A 35 6.98 11.12 9.51
N ALA A 36 6.47 11.33 10.72
CA ALA A 36 5.12 10.87 11.10
C ALA A 36 4.01 11.65 10.40
N ALA A 37 4.22 12.95 10.22
CA ALA A 37 3.27 13.79 9.47
C ALA A 37 3.08 13.26 8.04
N LEU A 38 4.17 12.75 7.47
CA LEU A 38 4.20 12.22 6.12
C LEU A 38 3.61 10.79 6.05
N VAL A 39 3.95 9.96 7.01
CA VAL A 39 3.31 8.66 7.12
C VAL A 39 1.81 8.81 7.31
N GLU A 40 1.40 9.80 8.10
CA GLU A 40 0.00 10.02 8.34
C GLU A 40 -0.76 10.47 7.09
N LYS A 41 -0.29 11.54 6.47
CA LYS A 41 -0.85 12.03 5.22
C LYS A 41 -1.11 10.87 4.28
N ARG A 42 -0.11 10.02 4.17
CA ARG A 42 -0.16 8.96 3.20
C ARG A 42 -1.11 7.85 3.60
N LEU A 43 -0.91 7.34 4.83
CA LEU A 43 -1.76 6.28 5.37
C LEU A 43 -3.23 6.69 5.35
N ARG A 44 -3.51 7.96 5.63
CA ARG A 44 -4.89 8.45 5.58
C ARG A 44 -5.47 8.41 4.16
N TYR A 45 -4.67 8.85 3.18
CA TYR A 45 -5.05 8.80 1.77
C TYR A 45 -5.41 7.36 1.32
N LEU A 46 -4.55 6.39 1.60
CA LEU A 46 -4.82 4.96 1.37
C LEU A 46 -6.02 4.37 2.10
N MET A 47 -6.26 4.81 3.34
CA MET A 47 -7.40 4.32 4.11
C MET A 47 -8.69 4.83 3.51
N ASP A 48 -8.70 6.09 3.10
CA ASP A 48 -9.90 6.71 2.56
C ASP A 48 -10.22 6.16 1.16
N THR A 49 -9.21 6.00 0.31
CA THR A 49 -9.44 5.51 -1.05
C THR A 49 -9.59 3.98 -1.15
N GLY A 50 -9.02 3.23 -0.19
CA GLY A 50 -8.89 1.77 -0.30
C GLY A 50 -7.97 1.30 -1.43
N ARG A 51 -7.15 2.20 -1.99
CA ARG A 51 -6.39 1.93 -3.25
C ARG A 51 -5.35 0.82 -3.16
N ASN A 52 -4.84 0.51 -1.97
CA ASN A 52 -3.74 -0.44 -1.86
C ASN A 52 -3.66 -0.94 -0.44
N THR A 53 -4.43 -1.96 -0.10
CA THR A 53 -4.48 -2.47 1.26
C THR A 53 -3.13 -2.99 1.76
N GLU A 54 -2.16 -3.17 0.87
CA GLU A 54 -0.84 -3.71 1.22
C GLU A 54 0.19 -2.66 1.58
N GLU A 55 0.20 -1.54 0.83
CA GLU A 55 0.99 -0.38 1.25
C GLU A 55 0.37 0.10 2.59
N GLU A 56 -0.98 0.15 2.63
CA GLU A 56 -1.80 0.56 3.79
C GLU A 56 -1.32 -0.09 5.08
N GLU A 57 -1.20 -1.43 5.05
CA GLU A 57 -0.76 -2.20 6.20
C GLU A 57 0.69 -1.90 6.56
N ALA A 58 1.57 -1.91 5.57
CA ALA A 58 2.95 -1.47 5.74
C ALA A 58 3.07 -0.02 6.38
N MET A 59 2.28 0.95 5.90
CA MET A 59 2.25 2.28 6.52
C MET A 59 1.74 2.28 7.98
N MET A 60 0.72 1.47 8.25
CA MET A 60 0.16 1.28 9.60
C MET A 60 1.27 0.82 10.56
N GLN A 61 2.01 -0.18 10.12
CA GLN A 61 3.17 -0.70 10.85
C GLN A 61 4.21 0.39 11.14
N GLU A 62 4.54 1.13 10.11
CA GLU A 62 5.47 2.22 10.23
C GLU A 62 4.89 3.31 11.16
N TRP A 63 3.63 3.67 10.94
CA TRP A 63 2.94 4.56 11.86
C TRP A 63 3.13 4.11 13.32
N PHE A 64 2.91 2.84 13.60
CA PHE A 64 3.02 2.37 14.95
C PHE A 64 4.45 2.28 15.45
N MET A 65 5.41 1.97 14.59
CA MET A 65 6.82 2.01 15.00
C MET A 65 7.16 3.41 15.44
N LEU A 66 6.71 4.40 14.66
CA LEU A 66 7.00 5.79 14.99
C LEU A 66 6.38 6.23 16.28
N VAL A 67 5.17 5.73 16.56
CA VAL A 67 4.49 5.91 17.83
C VAL A 67 5.30 5.35 18.96
N ASN A 68 5.78 4.10 18.83
CA ASN A 68 6.73 3.51 19.82
C ASN A 68 7.99 4.33 20.11
N LYS A 69 8.59 4.91 19.08
CA LYS A 69 9.82 5.70 19.24
C LYS A 69 9.51 6.93 20.06
N LYS A 70 8.45 7.63 19.67
CA LYS A 70 8.04 8.84 20.28
C LYS A 70 7.70 8.61 21.75
N ASN A 71 7.00 7.51 22.03
CA ASN A 71 6.69 7.14 23.41
C ASN A 71 7.93 6.94 24.25
N ALA A 72 8.93 6.27 23.71
CA ALA A 72 10.20 6.02 24.44
C ALA A 72 10.97 7.34 24.69
N LEU A 73 10.96 8.27 23.72
CA LEU A 73 11.53 9.61 23.91
C LEU A 73 10.80 10.38 24.96
N ILE A 74 9.47 10.40 24.88
CA ILE A 74 8.67 11.15 25.87
C ILE A 74 9.00 10.64 27.28
N ARG A 75 9.08 9.32 27.48
CA ARG A 75 9.38 8.77 28.80
C ARG A 75 10.80 9.17 29.29
N ARG A 76 11.77 9.17 28.37
CA ARG A 76 13.13 9.61 28.64
C ARG A 76 13.18 11.09 28.98
N MET A 77 12.47 11.91 28.21
CA MET A 77 12.34 13.33 28.53
C MET A 77 11.75 13.58 29.89
N ASN A 78 10.75 12.80 30.29
CA ASN A 78 10.07 13.15 31.52
C ASN A 78 10.94 12.79 32.69
N GLN A 79 11.64 11.68 32.59
CA GLN A 79 12.62 11.29 33.60
C GLN A 79 13.69 12.40 33.80
N LEU A 80 14.19 12.94 32.70
CA LEU A 80 15.21 13.98 32.71
C LEU A 80 14.68 15.29 33.28
N SER A 81 13.50 15.69 32.85
CA SER A 81 12.79 16.83 33.43
C SER A 81 12.61 16.74 34.96
N LEU A 82 12.34 15.55 35.51
CA LEU A 82 12.30 15.39 36.98
C LEU A 82 13.65 15.77 37.60
N LEU A 83 14.70 15.19 37.05
CA LEU A 83 16.03 15.45 37.50
C LEU A 83 16.36 16.95 37.39
N GLU A 84 15.88 17.60 36.32
CA GLU A 84 16.12 19.02 36.12
C GLU A 84 15.38 19.86 37.15
N LYS A 85 14.18 19.42 37.53
CA LYS A 85 13.45 20.08 38.59
C LYS A 85 14.17 19.91 39.91
N GLU A 86 14.69 18.74 40.21
CA GLU A 86 15.43 18.53 41.44
C GLU A 86 16.72 19.38 41.53
N HIS A 87 17.49 19.48 40.44
CA HIS A 87 18.59 20.46 40.32
C HIS A 87 18.15 21.86 40.64
N ASP A 88 17.19 22.35 39.88
CA ASP A 88 16.71 23.71 39.99
C ASP A 88 16.42 24.06 41.45
N LEU A 89 15.70 23.17 42.14
CA LEU A 89 15.38 23.30 43.56
C LEU A 89 16.63 23.44 44.42
N GLU A 90 17.65 22.68 44.06
CA GLU A 90 18.92 22.73 44.73
C GLU A 90 19.64 24.06 44.48
N ARG A 91 19.65 24.54 43.23
CA ARG A 91 20.10 25.92 42.93
C ARG A 91 19.38 26.90 43.86
N ARG A 92 18.08 26.76 43.98
CA ARG A 92 17.32 27.66 44.84
C ARG A 92 17.71 27.55 46.30
N TYR A 93 18.05 26.34 46.76
CA TYR A 93 18.53 26.10 48.14
C TYR A 93 19.83 26.86 48.30
N GLU A 94 20.78 26.70 47.37
CA GLU A 94 22.09 27.36 47.48
C GLU A 94 21.90 28.88 47.32
N LEU A 95 20.98 29.28 46.46
CA LEU A 95 20.63 30.69 46.26
C LEU A 95 20.19 31.38 47.55
N LEU A 96 19.48 30.66 48.39
CA LEU A 96 19.08 31.17 49.70
C LEU A 96 20.29 31.28 50.66
N ASN A 97 21.21 30.33 50.61
CA ASN A 97 22.44 30.44 51.38
C ASN A 97 23.24 31.69 51.06
N ARG A 98 23.23 32.12 49.80
CA ARG A 98 23.90 33.36 49.38
C ARG A 98 23.26 34.59 50.01
N GLU A 99 21.94 34.57 50.15
CA GLU A 99 21.20 35.70 50.71
C GLU A 99 21.51 35.86 52.17
N LEU A 100 21.73 34.72 52.84
CA LEU A 100 22.14 34.72 54.23
C LEU A 100 23.54 35.23 54.39
N ARG A 101 24.48 34.73 53.59
CA ARG A 101 25.84 35.29 53.55
C ARG A 101 25.87 36.81 53.38
N ALA A 102 25.31 37.30 52.27
CA ALA A 102 25.24 38.74 51.95
C ALA A 102 24.58 39.58 53.05
N MET A 103 23.55 39.03 53.72
CA MET A 103 23.03 39.68 54.92
C MET A 103 24.03 39.82 56.11
N LEU A 104 25.03 38.95 56.18
CA LEU A 104 26.06 39.02 57.22
C LEU A 104 27.27 39.86 56.87
N ALA A 105 27.40 40.25 55.60
CA ALA A 105 28.52 41.09 55.15
C ALA A 105 28.26 42.57 55.50
N ILE A 106 28.50 42.91 56.75
CA ILE A 106 28.22 44.23 57.26
C ILE A 106 29.53 44.96 57.49
N PRO B 7 -0.63 -12.87 12.48
CA PRO B 7 -1.58 -11.74 12.44
C PRO B 7 -0.87 -10.36 12.35
N ASN B 8 -1.33 -9.49 11.45
CA ASN B 8 -0.85 -8.07 11.35
C ASN B 8 -1.14 -7.14 12.59
N ALA B 9 -0.68 -5.88 12.54
CA ALA B 9 -0.79 -4.93 13.67
C ALA B 9 -2.23 -4.53 14.06
N SER B 10 -3.10 -4.33 13.09
CA SER B 10 -4.53 -4.16 13.30
C SER B 10 -5.25 -5.34 13.92
N GLN B 11 -4.95 -6.52 13.43
CA GLN B 11 -5.61 -7.71 13.88
C GLN B 11 -5.26 -7.98 15.32
N SER B 12 -4.00 -7.78 15.66
CA SER B 12 -3.51 -8.13 16.99
C SER B 12 -4.08 -7.12 18.02
N LEU B 13 -4.18 -5.86 17.61
CA LEU B 13 -4.79 -4.84 18.42
C LEU B 13 -6.26 -5.13 18.67
N LEU B 14 -6.99 -5.48 17.61
CA LEU B 14 -8.40 -5.83 17.74
C LEU B 14 -8.62 -7.06 18.68
N VAL B 15 -7.76 -8.07 18.54
CA VAL B 15 -7.82 -9.27 19.38
C VAL B 15 -7.60 -8.89 20.84
N TRP B 16 -6.65 -7.99 21.10
CA TRP B 16 -6.39 -7.50 22.46
C TRP B 16 -7.61 -6.80 23.02
N CYS B 17 -8.21 -5.89 22.24
CA CYS B 17 -9.46 -5.21 22.68
C CYS B 17 -10.56 -6.19 23.08
N LYS B 18 -10.78 -7.23 22.27
CA LYS B 18 -11.80 -8.25 22.60
C LYS B 18 -11.43 -9.08 23.81
N GLU B 19 -10.16 -9.48 23.96
CA GLU B 19 -9.77 -10.23 25.19
C GLU B 19 -10.04 -9.46 26.51
N VAL B 20 -9.58 -8.23 26.53
CA VAL B 20 -9.73 -7.35 27.68
C VAL B 20 -11.20 -7.01 28.06
N THR B 21 -12.07 -6.78 27.07
CA THR B 21 -13.46 -6.45 27.32
C THR B 21 -14.40 -7.67 27.28
N LYS B 22 -13.85 -8.88 27.20
CA LYS B 22 -14.68 -10.06 27.17
C LYS B 22 -15.65 -10.10 28.31
N ASN B 23 -16.91 -10.32 27.93
CA ASN B 23 -18.06 -10.43 28.87
C ASN B 23 -18.50 -9.18 29.55
N TYR B 24 -18.03 -8.01 29.10
CA TYR B 24 -18.59 -6.77 29.64
C TYR B 24 -19.95 -6.54 28.96
N ARG B 25 -21.00 -6.34 29.74
CA ARG B 25 -22.36 -6.16 29.24
C ARG B 25 -22.44 -4.95 28.30
N GLY B 26 -23.02 -5.14 27.11
CA GLY B 26 -23.22 -4.08 26.11
C GLY B 26 -22.04 -3.82 25.16
N VAL B 27 -20.97 -4.58 25.31
CA VAL B 27 -19.80 -4.39 24.45
C VAL B 27 -19.83 -5.39 23.33
N LYS B 28 -19.64 -4.91 22.12
CA LYS B 28 -19.59 -5.74 20.93
C LYS B 28 -18.61 -5.09 19.99
N ILE B 29 -17.41 -5.64 19.92
CA ILE B 29 -16.37 -5.06 19.12
C ILE B 29 -16.24 -5.84 17.80
N THR B 30 -16.43 -5.16 16.68
CA THR B 30 -16.22 -5.75 15.34
C THR B 30 -15.41 -4.86 14.44
N ASN B 31 -15.00 -3.67 14.89
CA ASN B 31 -14.29 -2.79 14.03
C ASN B 31 -13.69 -1.70 14.88
N PHE B 32 -13.06 -0.71 14.27
CA PHE B 32 -12.43 0.42 14.96
C PHE B 32 -13.17 1.70 14.68
N THR B 33 -14.50 1.62 14.53
CA THR B 33 -15.30 2.78 14.21
C THR B 33 -16.58 2.76 15.04
N THR B 34 -17.66 2.22 14.52
CA THR B 34 -19.00 2.28 15.20
C THR B 34 -19.05 1.51 16.52
N SER B 35 -18.18 0.50 16.63
CA SER B 35 -18.11 -0.30 17.92
C SER B 35 -17.69 0.55 19.15
N TRP B 36 -17.04 1.70 18.90
CA TRP B 36 -16.47 2.59 19.92
C TRP B 36 -17.31 3.82 20.25
N ARG B 37 -18.26 4.15 19.40
CA ARG B 37 -19.02 5.39 19.48
C ARG B 37 -19.65 5.65 20.83
N ASN B 38 -20.29 4.65 21.40
CA ASN B 38 -21.11 4.88 22.58
C ASN B 38 -20.36 4.97 23.89
N GLY B 39 -19.06 4.71 23.87
CA GLY B 39 -18.24 4.92 25.02
C GLY B 39 -18.04 3.65 25.85
N LEU B 40 -18.89 2.64 25.70
CA LEU B 40 -18.85 1.47 26.60
C LEU B 40 -17.56 0.66 26.51
N SER B 41 -17.12 0.51 25.28
CA SER B 41 -15.97 -0.28 24.99
C SER B 41 -14.79 0.36 25.62
N PHE B 42 -14.64 1.66 25.45
CA PHE B 42 -13.56 2.34 26.12
C PHE B 42 -13.65 2.19 27.65
N CYS B 43 -14.86 2.39 28.19
CA CYS B 43 -15.07 2.31 29.62
C CYS B 43 -14.79 0.90 30.12
N ALA B 44 -15.01 -0.12 29.31
CA ALA B 44 -14.76 -1.46 29.76
C ALA B 44 -13.24 -1.71 29.87
N ILE B 45 -12.50 -1.14 28.92
CA ILE B 45 -11.03 -1.24 28.94
C ILE B 45 -10.55 -0.59 30.23
N LEU B 46 -11.07 0.58 30.53
CA LEU B 46 -10.67 1.27 31.76
C LEU B 46 -11.02 0.46 33.01
N HIS B 47 -12.24 -0.04 33.06
CA HIS B 47 -12.66 -0.83 34.19
C HIS B 47 -11.79 -2.09 34.41
N HIS B 48 -11.39 -2.73 33.34
CA HIS B 48 -10.64 -3.97 33.42
C HIS B 48 -9.32 -3.76 34.08
N PHE B 49 -8.66 -2.65 33.76
CA PHE B 49 -7.35 -2.34 34.36
C PHE B 49 -7.44 -1.59 35.67
N ARG B 50 -8.38 -0.65 35.78
CA ARG B 50 -8.49 0.31 36.89
C ARG B 50 -9.94 0.46 37.32
N PRO B 51 -10.52 -0.60 37.94
CA PRO B 51 -11.90 -0.57 38.37
C PRO B 51 -12.19 0.44 39.46
N ASP B 52 -11.17 0.91 40.13
CA ASP B 52 -11.31 1.99 41.13
C ASP B 52 -11.64 3.34 40.47
N LEU B 53 -11.32 3.47 39.17
CA LEU B 53 -11.61 4.73 38.44
C LEU B 53 -12.98 4.88 37.77
N ILE B 54 -13.82 3.84 37.75
CA ILE B 54 -15.09 3.95 37.05
C ILE B 54 -16.03 2.85 37.50
N ASP B 55 -17.30 3.20 37.69
CA ASP B 55 -18.35 2.22 38.02
C ASP B 55 -19.05 1.80 36.73
N TYR B 56 -18.63 0.67 36.15
CA TYR B 56 -19.15 0.17 34.89
C TYR B 56 -20.64 -0.20 34.94
N LYS B 57 -21.08 -0.87 36.01
CA LYS B 57 -22.48 -1.34 36.15
C LYS B 57 -23.53 -0.22 36.06
N SER B 58 -23.22 0.97 36.55
CA SER B 58 -24.15 2.09 36.50
C SER B 58 -24.15 2.88 35.17
N LEU B 59 -23.23 2.58 34.27
CA LEU B 59 -23.20 3.32 33.00
C LEU B 59 -24.45 3.07 32.18
N ASN B 60 -24.95 4.14 31.58
CA ASN B 60 -26.09 4.13 30.69
C ASN B 60 -25.62 4.10 29.23
N PRO B 61 -25.91 3.02 28.48
CA PRO B 61 -25.55 2.87 27.02
C PRO B 61 -25.87 4.01 26.04
N GLN B 62 -26.94 4.74 26.33
CA GLN B 62 -27.38 5.88 25.53
C GLN B 62 -26.66 7.21 25.88
N ASP B 63 -25.95 7.28 27.02
CA ASP B 63 -25.20 8.50 27.41
C ASP B 63 -23.80 8.57 26.75
N ILE B 64 -23.84 8.88 25.45
CA ILE B 64 -22.73 8.85 24.56
C ILE B 64 -21.62 9.77 25.09
N LYS B 65 -22.00 10.99 25.45
CA LYS B 65 -21.04 12.02 25.83
C LYS B 65 -20.42 11.66 27.17
N GLU B 66 -21.24 11.28 28.13
CA GLU B 66 -20.77 11.02 29.45
C GLU B 66 -19.89 9.77 29.54
N ASN B 67 -20.25 8.69 28.85
CA ASN B 67 -19.41 7.47 28.86
C ASN B 67 -18.01 7.71 28.29
N ASN B 68 -17.99 8.46 27.20
CA ASN B 68 -16.76 8.79 26.54
C ASN B 68 -15.91 9.68 27.45
N LYS B 69 -16.56 10.60 28.16
CA LYS B 69 -15.84 11.52 29.01
C LYS B 69 -15.22 10.78 30.15
N LYS B 70 -15.98 9.90 30.77
CA LYS B 70 -15.43 9.18 31.88
C LYS B 70 -14.16 8.38 31.48
N ALA B 71 -14.21 7.72 30.33
CA ALA B 71 -13.06 6.96 29.86
C ALA B 71 -11.91 7.86 29.52
N TYR B 72 -12.12 8.91 28.75
CA TYR B 72 -11.02 9.81 28.39
C TYR B 72 -10.37 10.42 29.63
N ASP B 73 -11.19 10.82 30.62
CA ASP B 73 -10.66 11.44 31.87
C ASP B 73 -9.92 10.37 32.66
N GLY B 74 -10.47 9.16 32.77
CA GLY B 74 -9.76 8.05 33.45
C GLY B 74 -8.37 7.83 32.83
N PHE B 75 -8.30 7.74 31.50
CA PHE B 75 -7.04 7.49 30.84
C PHE B 75 -6.09 8.64 30.95
N ALA B 76 -6.57 9.86 30.77
CA ALA B 76 -5.73 11.05 30.93
C ALA B 76 -5.17 11.09 32.34
N SER B 77 -5.95 10.68 33.35
CA SER B 77 -5.45 10.72 34.74
C SER B 77 -4.31 9.77 35.02
N ILE B 78 -4.09 8.76 34.20
CA ILE B 78 -2.91 7.90 34.41
C ILE B 78 -1.83 8.09 33.37
N GLY B 79 -1.83 9.21 32.66
CA GLY B 79 -0.77 9.50 31.76
C GLY B 79 -0.98 9.30 30.29
N ILE B 80 -2.18 8.88 29.86
CA ILE B 80 -2.49 8.63 28.42
C ILE B 80 -3.13 9.86 27.79
N SER B 81 -2.46 10.43 26.80
CA SER B 81 -2.90 11.69 26.15
C SER B 81 -4.21 11.51 25.43
N ARG B 82 -5.06 12.52 25.54
CA ARG B 82 -6.34 12.55 24.90
C ARG B 82 -6.15 12.69 23.40
N LEU B 83 -6.67 11.75 22.60
CA LEU B 83 -6.69 11.88 21.14
C LEU B 83 -8.13 12.09 20.66
N LEU B 84 -9.11 11.80 21.53
CA LEU B 84 -10.53 11.96 21.27
C LEU B 84 -11.14 12.89 22.30
N GLU B 85 -12.09 13.71 21.85
CA GLU B 85 -13.02 14.46 22.74
C GLU B 85 -14.43 13.82 22.70
N PRO B 86 -15.24 14.00 23.75
CA PRO B 86 -16.62 13.44 23.68
C PRO B 86 -17.47 13.95 22.50
N SER B 87 -17.26 15.22 22.10
CA SER B 87 -17.97 15.86 21.02
C SER B 87 -17.62 15.32 19.61
N ASP B 88 -16.50 14.61 19.48
CA ASP B 88 -16.22 13.84 18.27
C ASP B 88 -17.27 12.71 18.01
N MET B 89 -18.02 12.32 19.04
CA MET B 89 -19.05 11.30 18.87
C MET B 89 -20.42 11.93 18.60
N VAL B 90 -20.52 13.25 18.55
CA VAL B 90 -21.86 13.88 18.59
C VAL B 90 -22.57 13.74 17.24
N LEU B 91 -23.90 13.80 17.23
CA LEU B 91 -24.66 13.79 15.92
C LEU B 91 -24.34 12.58 15.04
N LEU B 92 -24.11 11.44 15.69
CA LEU B 92 -23.91 10.17 15.06
C LEU B 92 -22.67 10.02 14.22
N ALA B 93 -21.71 10.93 14.34
CA ALA B 93 -20.46 10.79 13.64
C ALA B 93 -19.85 9.37 13.79
N ILE B 94 -19.36 8.81 12.70
CA ILE B 94 -18.57 7.59 12.81
C ILE B 94 -17.20 8.03 13.30
N PRO B 95 -16.66 7.39 14.35
CA PRO B 95 -15.34 7.78 14.87
C PRO B 95 -14.26 7.54 13.84
N ASP B 96 -13.35 8.49 13.67
CA ASP B 96 -12.22 8.32 12.80
C ASP B 96 -11.35 7.06 13.12
N LYS B 97 -11.19 6.18 12.13
CA LYS B 97 -10.59 4.89 12.32
C LYS B 97 -9.17 5.00 12.83
N LEU B 98 -8.37 5.87 12.21
CA LEU B 98 -6.97 5.97 12.57
C LEU B 98 -6.74 6.59 13.96
N THR B 99 -7.65 7.46 14.38
CA THR B 99 -7.58 8.06 15.69
C THR B 99 -7.96 7.03 16.70
N VAL B 100 -9.07 6.32 16.49
CA VAL B 100 -9.46 5.28 17.46
C VAL B 100 -8.35 4.20 17.65
N MET B 101 -7.78 3.77 16.54
CA MET B 101 -6.69 2.77 16.55
C MET B 101 -5.49 3.27 17.27
N THR B 102 -5.05 4.48 16.97
CA THR B 102 -3.88 5.06 17.67
C THR B 102 -4.14 5.20 19.14
N TYR B 103 -5.36 5.59 19.50
CA TYR B 103 -5.70 5.76 20.90
C TYR B 103 -5.63 4.44 21.63
N LEU B 104 -6.22 3.42 21.03
CA LEU B 104 -6.19 2.06 21.66
C LEU B 104 -4.79 1.52 21.72
N TYR B 105 -4.02 1.78 20.66
CA TYR B 105 -2.61 1.42 20.63
C TYR B 105 -1.90 2.05 21.82
N GLN B 106 -2.18 3.31 22.12
CA GLN B 106 -1.55 3.99 23.27
C GLN B 106 -2.02 3.48 24.62
N ILE B 107 -3.27 3.07 24.70
CA ILE B 107 -3.75 2.47 25.92
C ILE B 107 -3.07 1.13 26.17
N ARG B 108 -3.06 0.26 25.19
CA ARG B 108 -2.35 -1.00 25.32
C ARG B 108 -0.86 -0.76 25.63
N ALA B 109 -0.22 0.20 24.97
CA ALA B 109 1.21 0.43 25.20
C ALA B 109 1.43 0.92 26.65
N HIS B 110 0.55 1.75 27.18
CA HIS B 110 0.66 2.22 28.53
C HIS B 110 0.69 1.05 29.50
N PHE B 111 -0.24 0.13 29.36
CA PHE B 111 -0.30 -1.01 30.26
C PHE B 111 0.76 -2.07 30.04
N SER B 112 1.46 -2.02 28.91
CA SER B 112 2.53 -2.95 28.64
C SER B 112 3.85 -2.34 29.11
N GLY B 113 3.81 -1.26 29.87
CA GLY B 113 5.00 -0.68 30.45
C GLY B 113 5.66 0.34 29.54
N GLN B 114 5.05 0.62 28.40
CA GLN B 114 5.50 1.74 27.57
C GLN B 114 4.58 2.97 27.86
N GLN C 16 21.65 17.98 -21.66
CA GLN C 16 20.90 17.86 -20.35
C GLN C 16 19.39 17.62 -20.50
N TYR C 17 18.85 17.93 -21.68
CA TYR C 17 17.50 17.50 -22.07
C TYR C 17 17.33 15.97 -21.96
N VAL C 18 18.33 15.29 -22.46
CA VAL C 18 18.35 13.85 -22.54
C VAL C 18 18.36 13.28 -21.14
N VAL C 19 19.34 13.72 -20.35
CA VAL C 19 19.50 13.30 -18.95
C VAL C 19 18.23 13.47 -18.13
N GLY C 20 17.58 14.60 -18.28
CA GLY C 20 16.42 14.90 -17.46
C GLY C 20 15.22 14.10 -17.93
N GLU C 21 15.18 13.82 -19.22
CA GLU C 21 14.09 13.03 -19.79
C GLU C 21 14.27 11.53 -19.45
N LEU C 22 15.48 11.02 -19.53
CA LEU C 22 15.78 9.70 -19.02
C LEU C 22 15.38 9.51 -17.57
N ALA C 23 15.66 10.49 -16.73
CA ALA C 23 15.33 10.33 -15.32
C ALA C 23 13.81 10.45 -15.09
N ALA C 24 13.11 11.27 -15.88
CA ALA C 24 11.65 11.34 -15.74
C ALA C 24 10.99 10.02 -16.16
N LEU C 25 11.49 9.49 -17.28
CA LEU C 25 10.98 8.25 -17.81
C LEU C 25 11.25 7.08 -16.86
N GLU C 26 12.41 7.08 -16.22
CA GLU C 26 12.72 6.03 -15.27
C GLU C 26 11.79 6.13 -14.07
N ASN C 27 11.49 7.35 -13.70
CA ASN C 27 10.60 7.58 -12.62
C ASN C 27 9.19 7.11 -12.97
N GLU C 28 8.73 7.37 -14.17
CA GLU C 28 7.39 6.88 -14.53
C GLU C 28 7.37 5.33 -14.64
N GLN C 29 8.47 4.74 -15.07
CA GLN C 29 8.56 3.31 -15.17
C GLN C 29 8.41 2.67 -13.78
N LYS C 30 9.07 3.21 -12.76
CA LYS C 30 8.96 2.67 -11.41
C LYS C 30 7.56 2.75 -10.88
N GLN C 31 6.83 3.81 -11.25
CA GLN C 31 5.45 3.94 -10.80
C GLN C 31 4.59 2.84 -11.40
N ILE C 32 4.77 2.65 -12.71
CA ILE C 32 4.00 1.68 -13.47
C ILE C 32 4.34 0.28 -12.95
N ASP C 33 5.63 0.01 -12.70
CA ASP C 33 6.05 -1.29 -12.24
C ASP C 33 5.52 -1.71 -10.87
N THR C 34 5.57 -0.78 -9.94
CA THR C 34 5.00 -0.96 -8.64
C THR C 34 3.50 -1.23 -8.67
N ARG C 35 2.81 -0.44 -9.46
CA ARG C 35 1.38 -0.58 -9.56
C ARG C 35 0.99 -1.90 -10.30
N ALA C 36 1.74 -2.27 -11.35
CA ALA C 36 1.45 -3.50 -12.04
C ALA C 36 1.65 -4.75 -11.18
N ALA C 37 2.62 -4.72 -10.31
CA ALA C 37 2.87 -5.83 -9.41
C ALA C 37 1.68 -6.01 -8.47
N LEU C 38 1.14 -4.90 -7.97
CA LEU C 38 -0.05 -4.97 -7.15
C LEU C 38 -1.27 -5.46 -7.92
N VAL C 39 -1.50 -4.92 -9.11
CA VAL C 39 -2.67 -5.29 -9.85
C VAL C 39 -2.64 -6.78 -10.28
N GLU C 40 -1.48 -7.26 -10.68
CA GLU C 40 -1.32 -8.62 -11.11
C GLU C 40 -1.63 -9.60 -9.97
N LYS C 41 -1.06 -9.33 -8.81
CA LYS C 41 -1.32 -10.13 -7.63
C LYS C 41 -2.82 -10.26 -7.29
N ARG C 42 -3.48 -9.13 -7.25
CA ARG C 42 -4.89 -9.11 -6.91
C ARG C 42 -5.72 -9.78 -8.01
N LEU C 43 -5.42 -9.43 -9.26
CA LEU C 43 -6.12 -10.02 -10.38
C LEU C 43 -5.97 -11.53 -10.41
N ARG C 44 -4.79 -12.06 -10.14
CA ARG C 44 -4.61 -13.52 -10.18
C ARG C 44 -5.41 -14.18 -9.02
N TYR C 45 -5.43 -13.57 -7.83
CA TYR C 45 -6.30 -14.05 -6.73
C TYR C 45 -7.75 -14.15 -7.16
N LEU C 46 -8.22 -13.12 -7.83
CA LEU C 46 -9.60 -13.05 -8.23
C LEU C 46 -9.93 -14.03 -9.31
N MET C 47 -8.97 -14.23 -10.21
CA MET C 47 -9.15 -15.19 -11.29
C MET C 47 -9.10 -16.60 -10.76
N ASP C 48 -8.25 -16.86 -9.82
CA ASP C 48 -8.16 -18.18 -9.23
C ASP C 48 -9.36 -18.55 -8.39
N THR C 49 -9.87 -17.61 -7.60
CA THR C 49 -10.94 -17.93 -6.65
C THR C 49 -12.35 -17.75 -7.26
N GLY C 50 -12.40 -16.93 -8.29
CA GLY C 50 -13.65 -16.51 -8.89
C GLY C 50 -14.63 -15.78 -7.97
N ARG C 51 -14.14 -15.20 -6.90
CA ARG C 51 -15.00 -14.61 -5.82
C ARG C 51 -15.57 -13.22 -6.07
N ASN C 52 -15.16 -12.52 -7.12
CA ASN C 52 -15.77 -11.22 -7.41
C ASN C 52 -15.52 -10.77 -8.83
N THR C 53 -16.44 -11.14 -9.71
CA THR C 53 -16.27 -10.95 -11.13
C THR C 53 -16.27 -9.49 -11.45
N GLU C 54 -16.98 -8.68 -10.66
CA GLU C 54 -17.01 -7.22 -10.88
C GLU C 54 -15.64 -6.55 -10.63
N GLU C 55 -14.99 -6.90 -9.55
CA GLU C 55 -13.70 -6.32 -9.25
C GLU C 55 -12.65 -6.94 -10.20
N GLU C 56 -12.84 -8.23 -10.55
CA GLU C 56 -12.01 -8.92 -11.56
C GLU C 56 -11.95 -8.09 -12.86
N GLU C 57 -13.11 -7.72 -13.37
CA GLU C 57 -13.20 -6.90 -14.54
C GLU C 57 -12.62 -5.51 -14.40
N ALA C 58 -12.86 -4.85 -13.26
CA ALA C 58 -12.29 -3.53 -13.00
C ALA C 58 -10.75 -3.60 -12.99
N MET C 59 -10.21 -4.62 -12.32
CA MET C 59 -8.79 -4.88 -12.29
C MET C 59 -8.22 -5.31 -13.67
N MET C 60 -8.97 -6.07 -14.43
CA MET C 60 -8.54 -6.40 -15.84
C MET C 60 -8.41 -5.09 -16.63
N GLN C 61 -9.32 -4.12 -16.40
CA GLN C 61 -9.22 -2.85 -17.11
C GLN C 61 -8.08 -2.02 -16.63
N GLU C 62 -7.76 -2.11 -15.36
CA GLU C 62 -6.63 -1.34 -14.90
C GLU C 62 -5.32 -1.94 -15.44
N TRP C 63 -5.21 -3.25 -15.44
CA TRP C 63 -4.07 -3.98 -16.00
C TRP C 63 -3.81 -3.63 -17.48
N PHE C 64 -4.83 -3.61 -18.31
CA PHE C 64 -4.70 -3.18 -19.72
C PHE C 64 -4.28 -1.74 -19.88
N MET C 65 -4.73 -0.90 -18.97
CA MET C 65 -4.29 0.51 -18.96
C MET C 65 -2.83 0.64 -18.61
N LEU C 66 -2.37 -0.17 -17.64
CA LEU C 66 -0.94 -0.25 -17.31
C LEU C 66 -0.10 -0.80 -18.43
N VAL C 67 -0.63 -1.78 -19.14
CA VAL C 67 0.04 -2.28 -20.36
C VAL C 67 0.17 -1.16 -21.43
N ASN C 68 -0.88 -0.37 -21.65
CA ASN C 68 -0.77 0.76 -22.60
C ASN C 68 0.21 1.78 -22.12
N LYS C 69 0.19 2.09 -20.82
CA LYS C 69 1.18 3.06 -20.33
C LYS C 69 2.60 2.57 -20.50
N LYS C 70 2.85 1.31 -20.23
CA LYS C 70 4.20 0.80 -20.39
C LYS C 70 4.68 0.81 -21.87
N ASN C 71 3.80 0.46 -22.80
CA ASN C 71 4.08 0.51 -24.22
C ASN C 71 4.43 1.90 -24.61
N ALA C 72 3.63 2.88 -24.18
CA ALA C 72 3.88 4.31 -24.51
C ALA C 72 5.25 4.75 -24.00
N LEU C 73 5.56 4.33 -22.79
CA LEU C 73 6.83 4.60 -22.20
C LEU C 73 7.99 4.02 -22.98
N ILE C 74 7.81 2.80 -23.50
CA ILE C 74 8.87 2.10 -24.20
C ILE C 74 9.11 2.80 -25.52
N ARG C 75 8.03 3.22 -26.19
CA ARG C 75 8.17 4.02 -27.41
C ARG C 75 9.02 5.27 -27.14
N ARG C 76 8.68 5.95 -26.06
CA ARG C 76 9.33 7.19 -25.70
C ARG C 76 10.86 6.98 -25.44
N MET C 77 11.22 5.86 -24.80
CA MET C 77 12.63 5.51 -24.56
C MET C 77 13.36 5.25 -25.87
N ASN C 78 12.70 4.57 -26.80
CA ASN C 78 13.25 4.31 -28.12
C ASN C 78 13.40 5.60 -28.93
N GLN C 79 12.47 6.54 -28.83
CA GLN C 79 12.68 7.82 -29.49
C GLN C 79 13.88 8.58 -28.95
N LEU C 80 14.01 8.54 -27.65
CA LEU C 80 15.15 9.13 -26.99
C LEU C 80 16.50 8.49 -27.38
N SER C 81 16.49 7.16 -27.53
CA SER C 81 17.65 6.40 -27.99
C SER C 81 18.17 6.88 -29.36
N LEU C 82 17.26 7.15 -30.27
CA LEU C 82 17.61 7.66 -31.58
C LEU C 82 18.20 9.07 -31.50
N LEU C 83 17.77 9.83 -30.51
CA LEU C 83 18.30 11.14 -30.33
C LEU C 83 19.71 11.08 -29.75
N GLU C 84 19.92 10.17 -28.80
CA GLU C 84 21.27 9.90 -28.24
C GLU C 84 22.19 9.43 -29.35
N LYS C 85 21.67 8.63 -30.27
CA LYS C 85 22.51 8.14 -31.34
C LYS C 85 22.87 9.28 -32.29
N GLU C 86 21.92 10.15 -32.62
CA GLU C 86 22.21 11.30 -33.46
C GLU C 86 23.27 12.23 -32.80
N HIS C 87 23.22 12.43 -31.49
CA HIS C 87 24.22 13.27 -30.80
C HIS C 87 25.57 12.68 -30.80
N ASP C 88 25.63 11.37 -30.67
CA ASP C 88 26.89 10.68 -30.84
C ASP C 88 27.49 11.00 -32.22
N LEU C 89 26.66 11.06 -33.25
CA LEU C 89 27.12 11.40 -34.60
C LEU C 89 27.68 12.82 -34.65
N GLU C 90 26.87 13.78 -34.25
CA GLU C 90 27.29 15.19 -34.16
C GLU C 90 28.53 15.40 -33.28
N ARG C 91 28.63 14.63 -32.20
CA ARG C 91 29.80 14.66 -31.34
C ARG C 91 31.03 14.27 -32.15
N ARG C 92 31.06 13.02 -32.66
CA ARG C 92 32.16 12.50 -33.45
C ARG C 92 32.55 13.39 -34.64
N TYR C 93 31.56 13.96 -35.32
CA TYR C 93 31.78 14.96 -36.39
C TYR C 93 32.66 16.14 -35.96
N GLU C 94 32.46 16.63 -34.73
CA GLU C 94 33.23 17.77 -34.19
C GLU C 94 34.61 17.42 -33.65
N LEU C 95 34.76 16.22 -33.09
CA LEU C 95 36.09 15.68 -32.82
C LEU C 95 36.85 15.27 -34.10
N LEU C 96 36.25 15.52 -35.26
CA LEU C 96 36.95 15.42 -36.53
C LEU C 96 37.64 16.76 -36.83
N ASN C 97 37.07 17.90 -36.44
CA ASN C 97 37.64 19.22 -36.79
C ASN C 97 38.46 19.80 -35.66
N PRO D 7 -20.20 -4.81 -24.18
CA PRO D 7 -19.30 -5.86 -23.70
C PRO D 7 -18.12 -5.28 -22.90
N ASN D 8 -17.61 -6.08 -21.96
CA ASN D 8 -16.41 -5.72 -21.18
C ASN D 8 -15.12 -6.02 -21.95
N ALA D 9 -13.97 -5.72 -21.37
CA ALA D 9 -12.73 -5.69 -22.16
C ALA D 9 -12.24 -7.08 -22.59
N SER D 10 -12.38 -8.03 -21.70
CA SER D 10 -12.08 -9.41 -21.95
C SER D 10 -12.89 -10.00 -23.08
N GLN D 11 -14.21 -9.81 -23.03
CA GLN D 11 -15.11 -10.25 -24.10
C GLN D 11 -14.83 -9.57 -25.45
N SER D 12 -14.57 -8.28 -25.47
CA SER D 12 -14.22 -7.56 -26.70
C SER D 12 -12.93 -8.08 -27.38
N LEU D 13 -11.91 -8.36 -26.58
CA LEU D 13 -10.68 -8.97 -27.09
C LEU D 13 -10.96 -10.37 -27.68
N LEU D 14 -11.73 -11.16 -26.96
CA LEU D 14 -12.05 -12.50 -27.50
C LEU D 14 -12.83 -12.42 -28.82
N VAL D 15 -13.82 -11.52 -28.92
CA VAL D 15 -14.57 -11.46 -30.19
C VAL D 15 -13.66 -10.99 -31.33
N TRP D 16 -12.75 -10.05 -31.06
CA TRP D 16 -11.81 -9.59 -32.11
C TRP D 16 -10.94 -10.74 -32.58
N CYS D 17 -10.50 -11.61 -31.67
CA CYS D 17 -9.72 -12.76 -32.08
C CYS D 17 -10.50 -13.65 -33.03
N LYS D 18 -11.77 -13.92 -32.68
CA LYS D 18 -12.69 -14.74 -33.51
C LYS D 18 -12.96 -14.13 -34.89
N GLU D 19 -13.05 -12.82 -34.95
CA GLU D 19 -13.32 -12.12 -36.20
C GLU D 19 -12.12 -12.18 -37.13
N VAL D 20 -10.91 -12.00 -36.60
CA VAL D 20 -9.77 -11.94 -37.49
C VAL D 20 -9.37 -13.30 -38.04
N THR D 21 -9.75 -14.34 -37.34
CA THR D 21 -9.41 -15.67 -37.77
C THR D 21 -10.68 -16.39 -38.33
N LYS D 22 -11.76 -15.68 -38.64
CA LYS D 22 -13.00 -16.36 -39.15
C LYS D 22 -12.85 -17.25 -40.39
N ASN D 23 -11.93 -16.94 -41.29
CA ASN D 23 -11.76 -17.76 -42.51
C ASN D 23 -10.75 -18.88 -42.35
N TYR D 24 -10.24 -19.10 -41.13
CA TYR D 24 -9.23 -20.12 -40.90
C TYR D 24 -9.89 -21.38 -40.41
N ARG D 25 -10.04 -22.31 -41.34
CA ARG D 25 -10.37 -23.72 -41.15
C ARG D 25 -9.55 -24.39 -40.10
N GLY D 26 -10.18 -24.94 -39.09
CA GLY D 26 -9.41 -25.56 -38.04
C GLY D 26 -9.11 -24.68 -36.84
N VAL D 27 -9.39 -23.38 -36.93
CA VAL D 27 -9.32 -22.51 -35.77
C VAL D 27 -10.65 -22.45 -35.12
N LYS D 28 -10.67 -22.74 -33.82
CA LYS D 28 -11.83 -22.65 -33.00
C LYS D 28 -11.47 -21.98 -31.69
N ILE D 29 -11.99 -20.78 -31.47
CA ILE D 29 -11.61 -20.01 -30.29
C ILE D 29 -12.78 -19.89 -29.36
N THR D 30 -12.59 -20.34 -28.13
CA THR D 30 -13.67 -20.33 -27.14
C THR D 30 -13.29 -19.84 -25.80
N ASN D 31 -12.04 -19.52 -25.60
CA ASN D 31 -11.56 -19.09 -24.30
C ASN D 31 -10.17 -18.52 -24.55
N PHE D 32 -9.46 -18.18 -23.47
CA PHE D 32 -8.09 -17.65 -23.50
C PHE D 32 -7.04 -18.61 -22.91
N THR D 33 -7.33 -19.89 -22.99
CA THR D 33 -6.41 -20.90 -22.56
C THR D 33 -6.25 -22.00 -23.66
N THR D 34 -7.05 -23.08 -23.60
CA THR D 34 -6.84 -24.30 -24.42
C THR D 34 -7.02 -24.09 -25.96
N SER D 35 -7.86 -23.12 -26.35
CA SER D 35 -7.93 -22.65 -27.75
C SER D 35 -6.61 -22.16 -28.35
N TRP D 36 -5.60 -21.87 -27.50
CA TRP D 36 -4.30 -21.27 -27.93
C TRP D 36 -3.12 -22.18 -27.82
N ARG D 37 -3.34 -23.33 -27.20
CA ARG D 37 -2.26 -24.21 -26.81
C ARG D 37 -1.50 -24.77 -28.00
N ASN D 38 -2.18 -25.19 -29.07
CA ASN D 38 -1.46 -25.85 -30.16
C ASN D 38 -0.83 -24.89 -31.12
N GLY D 39 -0.93 -23.59 -30.83
CA GLY D 39 -0.22 -22.62 -31.65
C GLY D 39 -0.93 -22.19 -32.91
N LEU D 40 -1.95 -22.93 -33.34
CA LEU D 40 -2.56 -22.60 -34.62
C LEU D 40 -3.34 -21.33 -34.59
N SER D 41 -4.07 -21.07 -33.50
CA SER D 41 -4.82 -19.84 -33.42
C SER D 41 -3.89 -18.63 -33.47
N PHE D 42 -2.72 -18.72 -32.83
CA PHE D 42 -1.76 -17.61 -32.93
C PHE D 42 -1.28 -17.44 -34.36
N CYS D 43 -1.02 -18.57 -35.01
CA CYS D 43 -0.49 -18.55 -36.38
C CYS D 43 -1.49 -17.96 -37.37
N ALA D 44 -2.76 -18.23 -37.16
CA ALA D 44 -3.79 -17.67 -38.00
C ALA D 44 -3.82 -16.17 -37.93
N ILE D 45 -3.71 -15.60 -36.75
CA ILE D 45 -3.64 -14.12 -36.64
C ILE D 45 -2.44 -13.54 -37.35
N LEU D 46 -1.29 -14.13 -37.11
CA LEU D 46 -0.10 -13.66 -37.79
C LEU D 46 -0.29 -13.66 -39.31
N HIS D 47 -0.85 -14.76 -39.81
CA HIS D 47 -1.03 -14.96 -41.25
C HIS D 47 -2.09 -14.03 -41.80
N HIS D 48 -3.13 -13.73 -41.00
CA HIS D 48 -4.10 -12.83 -41.45
C HIS D 48 -3.50 -11.45 -41.78
N PHE D 49 -2.53 -10.99 -40.99
CA PHE D 49 -2.04 -9.63 -41.12
C PHE D 49 -0.74 -9.53 -41.87
N ARG D 50 0.08 -10.58 -41.75
CA ARG D 50 1.41 -10.66 -42.35
C ARG D 50 1.61 -12.01 -43.02
N PRO D 51 0.91 -12.26 -44.12
CA PRO D 51 0.98 -13.58 -44.79
C PRO D 51 2.34 -14.01 -45.29
N ASP D 52 3.23 -13.03 -45.52
CA ASP D 52 4.65 -13.22 -45.83
C ASP D 52 5.46 -13.87 -44.75
N LEU D 53 5.04 -13.79 -43.48
CA LEU D 53 5.93 -14.25 -42.39
C LEU D 53 5.68 -15.70 -42.01
N ILE D 54 4.71 -16.35 -42.62
CA ILE D 54 4.42 -17.71 -42.22
C ILE D 54 3.63 -18.42 -43.28
N ASP D 55 3.81 -19.73 -43.35
CA ASP D 55 3.10 -20.56 -44.29
C ASP D 55 2.06 -21.31 -43.51
N TYR D 56 0.86 -20.73 -43.44
CA TYR D 56 -0.23 -21.30 -42.65
C TYR D 56 -0.69 -22.72 -43.09
N LYS D 57 -0.94 -22.90 -44.38
CA LYS D 57 -1.49 -24.18 -44.94
C LYS D 57 -0.56 -25.36 -44.67
N SER D 58 0.74 -25.11 -44.60
CA SER D 58 1.67 -26.19 -44.29
C SER D 58 1.82 -26.56 -42.79
N LEU D 59 1.06 -25.96 -41.85
CA LEU D 59 1.30 -26.23 -40.43
C LEU D 59 0.64 -27.54 -39.96
N ASN D 60 1.32 -28.25 -39.07
CA ASN D 60 0.76 -29.47 -38.52
C ASN D 60 0.20 -29.20 -37.13
N PRO D 61 -1.10 -29.51 -36.89
CA PRO D 61 -1.75 -29.12 -35.60
C PRO D 61 -1.10 -29.79 -34.37
N GLN D 62 -0.55 -30.96 -34.55
CA GLN D 62 0.15 -31.65 -33.48
C GLN D 62 1.49 -31.10 -33.17
N ASP D 63 2.05 -30.28 -34.06
CA ASP D 63 3.40 -29.71 -33.93
C ASP D 63 3.40 -28.47 -32.98
N ILE D 64 3.05 -28.70 -31.73
CA ILE D 64 2.76 -27.67 -30.74
C ILE D 64 3.89 -26.71 -30.54
N LYS D 65 5.08 -27.25 -30.34
CA LYS D 65 6.20 -26.39 -30.02
C LYS D 65 6.53 -25.50 -31.19
N GLU D 66 6.53 -26.07 -32.39
CA GLU D 66 7.02 -25.39 -33.58
C GLU D 66 5.97 -24.38 -34.10
N ASN D 67 4.70 -24.73 -34.06
CA ASN D 67 3.60 -23.79 -34.42
C ASN D 67 3.70 -22.52 -33.56
N ASN D 68 3.81 -22.74 -32.25
CA ASN D 68 4.00 -21.61 -31.35
C ASN D 68 5.27 -20.85 -31.61
N LYS D 69 6.36 -21.55 -31.87
CA LYS D 69 7.63 -20.83 -32.11
C LYS D 69 7.57 -19.96 -33.36
N LYS D 70 7.01 -20.48 -34.45
CA LYS D 70 6.80 -19.67 -35.65
C LYS D 70 5.96 -18.45 -35.41
N ALA D 71 4.91 -18.62 -34.62
CA ALA D 71 4.02 -17.48 -34.30
C ALA D 71 4.80 -16.43 -33.55
N TYR D 72 5.46 -16.88 -32.48
CA TYR D 72 6.16 -15.94 -31.59
C TYR D 72 7.34 -15.25 -32.22
N ASP D 73 8.03 -15.95 -33.13
CA ASP D 73 9.15 -15.35 -33.92
C ASP D 73 8.62 -14.34 -34.91
N GLY D 74 7.54 -14.68 -35.57
CA GLY D 74 6.94 -13.69 -36.46
C GLY D 74 6.49 -12.44 -35.70
N PHE D 75 5.80 -12.65 -34.58
CA PHE D 75 5.37 -11.50 -33.73
C PHE D 75 6.58 -10.68 -33.20
N ALA D 76 7.65 -11.33 -32.78
CA ALA D 76 8.85 -10.62 -32.34
C ALA D 76 9.55 -9.82 -33.43
N SER D 77 9.55 -10.35 -34.65
CA SER D 77 10.23 -9.73 -35.74
C SER D 77 9.59 -8.40 -36.08
N ILE D 78 8.34 -8.16 -35.72
CA ILE D 78 7.70 -6.87 -35.99
C ILE D 78 7.47 -6.00 -34.78
N GLY D 79 8.06 -6.38 -33.65
CA GLY D 79 8.10 -5.55 -32.45
C GLY D 79 7.26 -6.01 -31.27
N ILE D 80 6.69 -7.21 -31.31
CA ILE D 80 5.86 -7.66 -30.21
C ILE D 80 6.72 -8.60 -29.36
N SER D 81 6.94 -8.17 -28.12
CA SER D 81 7.72 -8.93 -27.17
C SER D 81 7.07 -10.26 -26.81
N ARG D 82 7.92 -11.26 -26.64
CA ARG D 82 7.53 -12.59 -26.24
C ARG D 82 7.01 -12.66 -24.80
N LEU D 83 5.84 -13.24 -24.61
CA LEU D 83 5.40 -13.50 -23.27
C LEU D 83 5.24 -14.95 -23.01
N LEU D 84 5.31 -15.77 -24.03
CA LEU D 84 5.08 -17.21 -23.91
C LEU D 84 6.29 -17.92 -24.48
N GLU D 85 6.59 -19.06 -23.90
CA GLU D 85 7.70 -19.92 -24.30
C GLU D 85 7.09 -21.14 -24.97
N PRO D 86 7.57 -21.49 -26.17
CA PRO D 86 6.96 -22.61 -26.89
C PRO D 86 6.93 -23.95 -26.15
N SER D 87 8.05 -24.32 -25.54
CA SER D 87 8.14 -25.54 -24.74
C SER D 87 7.15 -25.58 -23.58
N ASP D 88 6.79 -24.44 -23.01
CA ASP D 88 5.68 -24.43 -22.01
C ASP D 88 4.34 -24.92 -22.54
N MET D 89 4.05 -24.67 -23.82
CA MET D 89 2.71 -25.01 -24.32
C MET D 89 2.60 -26.51 -24.40
N VAL D 90 3.71 -27.15 -24.70
CA VAL D 90 3.80 -28.57 -24.70
C VAL D 90 3.59 -29.11 -23.27
N LEU D 91 4.27 -28.52 -22.28
CA LEU D 91 4.19 -29.04 -20.87
C LEU D 91 2.87 -28.88 -20.14
N LEU D 92 2.17 -27.80 -20.43
CA LEU D 92 1.02 -27.42 -19.63
C LEU D 92 -0.29 -27.71 -20.35
N ALA D 93 -1.14 -28.50 -19.70
CA ALA D 93 -2.50 -28.75 -20.21
C ALA D 93 -3.35 -27.45 -20.45
N ILE D 94 -3.25 -26.47 -19.54
CA ILE D 94 -4.03 -25.27 -19.62
C ILE D 94 -3.02 -24.09 -19.59
N PRO D 95 -2.73 -23.48 -20.74
CA PRO D 95 -1.89 -22.30 -20.66
C PRO D 95 -2.43 -21.24 -19.67
N ASP D 96 -1.55 -20.37 -19.18
CA ASP D 96 -1.95 -19.32 -18.24
C ASP D 96 -2.88 -18.22 -18.82
N LYS D 97 -4.09 -18.12 -18.27
CA LYS D 97 -5.11 -17.30 -18.86
C LYS D 97 -4.69 -15.82 -18.99
N LEU D 98 -4.16 -15.26 -17.92
CA LEU D 98 -3.75 -13.88 -17.93
C LEU D 98 -2.63 -13.57 -18.91
N THR D 99 -1.68 -14.49 -19.04
CA THR D 99 -0.56 -14.31 -19.96
C THR D 99 -1.04 -14.33 -21.41
N VAL D 100 -1.93 -15.28 -21.72
CA VAL D 100 -2.43 -15.40 -23.04
C VAL D 100 -3.24 -14.16 -23.42
N MET D 101 -4.07 -13.68 -22.50
CA MET D 101 -4.88 -12.50 -22.73
C MET D 101 -4.05 -11.28 -22.93
N THR D 102 -2.96 -11.20 -22.18
CA THR D 102 -2.11 -10.03 -22.28
C THR D 102 -1.36 -10.03 -23.58
N TYR D 103 -0.91 -11.19 -24.02
CA TYR D 103 -0.16 -11.27 -25.24
C TYR D 103 -1.07 -10.91 -26.37
N LEU D 104 -2.29 -11.45 -26.39
CA LEU D 104 -3.25 -11.10 -27.39
C LEU D 104 -3.64 -9.60 -27.37
N TYR D 105 -3.79 -9.01 -26.20
CA TYR D 105 -4.00 -7.58 -26.09
C TYR D 105 -2.90 -6.84 -26.84
N GLN D 106 -1.67 -7.28 -26.63
CA GLN D 106 -0.47 -6.67 -27.23
C GLN D 106 -0.43 -6.82 -28.75
N ILE D 107 -0.86 -7.98 -29.23
CA ILE D 107 -0.94 -8.26 -30.65
C ILE D 107 -1.98 -7.38 -31.35
N ARG D 108 -3.15 -7.32 -30.73
CA ARG D 108 -4.20 -6.48 -31.22
C ARG D 108 -3.73 -4.99 -31.21
N ALA D 109 -3.04 -4.55 -30.16
CA ALA D 109 -2.65 -3.13 -30.05
C ALA D 109 -1.64 -2.86 -31.12
N HIS D 110 -0.75 -3.79 -31.35
CA HIS D 110 0.16 -3.64 -32.43
C HIS D 110 -0.48 -3.53 -33.83
N PHE D 111 -1.39 -4.44 -34.17
CA PHE D 111 -2.14 -4.38 -35.46
C PHE D 111 -3.39 -3.43 -35.42
N SER D 112 -3.52 -2.63 -34.36
CA SER D 112 -4.75 -1.99 -33.89
C SER D 112 -6.03 -2.81 -34.19
#